data_6JVN
#
_entry.id   6JVN
#
_cell.length_a   59.161
_cell.length_b   67.495
_cell.length_c   80.053
_cell.angle_alpha   90.000
_cell.angle_beta   90.000
_cell.angle_gamma   90.000
#
_symmetry.space_group_name_H-M   'P 21 21 21'
#
loop_
_entity.id
_entity.type
_entity.pdbx_description
1 polymer '7,8-dihydro-8-oxoguanine triphosphatase'
2 non-polymer N4-methyl-6-morpholin-4-yl-pyrimidine-2,4-diamine
3 water water
#
_entity_poly.entity_id   1
_entity_poly.type   'polypeptide(L)'
_entity_poly.pdbx_seq_one_letter_code
;MGASRLYTLVLVLQPQRVLLGMKKRGFGAGRWNGFGGKVQEGETIEDGARRELQEESGLTVDALHKVGQIVFEFVGEPEL
MDVHVFCTDSIQGTPVESDEMRPCWFQLDQIPFKDMWPDDSYWFPLLLQKKKFHGYFKFQGQDTILDYTLREVDTV
;
_entity_poly.pdbx_strand_id   A,B
#
# COMPACT_ATOMS: atom_id res chain seq x y z
N ALA A 3 -12.33 -16.70 -2.27
CA ALA A 3 -11.69 -17.92 -1.81
C ALA A 3 -10.29 -17.63 -1.31
N SER A 4 -10.02 -18.01 -0.07
CA SER A 4 -8.73 -17.77 0.56
C SER A 4 -8.36 -18.96 1.44
N ARG A 5 -7.06 -19.09 1.70
CA ARG A 5 -6.57 -20.14 2.56
C ARG A 5 -5.64 -19.50 3.57
N LEU A 6 -5.76 -19.92 4.83
CA LEU A 6 -5.02 -19.32 5.93
C LEU A 6 -3.60 -19.89 6.03
N TYR A 7 -2.62 -19.00 6.18
CA TYR A 7 -1.23 -19.34 6.43
C TYR A 7 -0.71 -18.51 7.59
N THR A 8 0.39 -18.97 8.18
CA THR A 8 1.10 -18.29 9.25
C THR A 8 2.54 -18.02 8.83
N LEU A 9 3.11 -17.02 9.48
CA LEU A 9 4.51 -16.66 9.30
C LEU A 9 5.01 -16.04 10.61
N VAL A 10 6.08 -16.60 11.16
CA VAL A 10 6.58 -16.24 12.48
C VAL A 10 8.00 -15.73 12.33
N LEU A 11 8.24 -14.52 12.84
CA LEU A 11 9.56 -13.91 12.86
C LEU A 11 10.02 -13.76 14.31
N VAL A 12 11.15 -14.38 14.64
CA VAL A 12 11.76 -14.20 15.95
C VAL A 12 12.71 -13.02 15.85
N LEU A 13 12.31 -11.90 16.43
CA LEU A 13 13.01 -10.64 16.27
C LEU A 13 13.50 -10.20 17.65
N GLN A 14 14.81 -10.22 17.84
CA GLN A 14 15.45 -9.77 19.06
C GLN A 14 16.18 -8.48 18.79
N PRO A 15 16.62 -7.76 19.83
CA PRO A 15 17.07 -6.36 19.63
C PRO A 15 18.14 -6.16 18.56
N GLN A 16 19.07 -7.09 18.38
CA GLN A 16 20.07 -6.95 17.33
C GLN A 16 20.02 -8.04 16.26
N ARG A 17 18.97 -8.84 16.21
CA ARG A 17 19.08 -9.95 15.27
C ARG A 17 17.71 -10.57 15.04
N VAL A 18 17.54 -11.18 13.88
CA VAL A 18 16.28 -11.81 13.52
C VAL A 18 16.59 -13.21 13.03
N LEU A 19 15.76 -14.18 13.41
CA LEU A 19 15.97 -15.57 13.01
C LEU A 19 15.27 -15.84 11.69
N LEU A 20 15.99 -16.42 10.73
CA LEU A 20 15.38 -16.83 9.48
C LEU A 20 15.72 -18.28 9.22
N GLY A 21 14.94 -18.91 8.37
CA GLY A 21 15.19 -20.29 7.96
C GLY A 21 15.30 -20.37 6.46
N MET A 22 16.28 -21.14 5.99
CA MET A 22 16.47 -21.39 4.56
C MET A 22 15.61 -22.60 4.21
N LYS A 23 14.59 -22.37 3.40
CA LYS A 23 13.66 -23.43 3.04
C LYS A 23 14.35 -24.38 2.08
N LYS A 24 14.30 -25.66 2.39
CA LYS A 24 15.10 -26.65 1.70
C LYS A 24 14.29 -27.48 0.71
N ARG A 25 12.96 -27.43 0.78
CA ARG A 25 12.13 -28.15 -0.17
C ARG A 25 10.76 -27.49 -0.19
N GLY A 26 9.95 -27.86 -1.20
CA GLY A 26 8.58 -27.37 -1.26
C GLY A 26 8.46 -25.92 -1.70
N PHE A 27 7.34 -25.32 -1.30
CA PHE A 27 7.00 -23.95 -1.69
C PHE A 27 8.01 -22.96 -1.14
N GLY A 28 8.55 -22.12 -2.03
CA GLY A 28 9.53 -21.14 -1.64
C GLY A 28 10.90 -21.73 -1.31
N ALA A 29 11.17 -22.94 -1.79
CA ALA A 29 12.47 -23.56 -1.55
C ALA A 29 13.57 -22.68 -2.12
N GLY A 30 14.68 -22.60 -1.37
CA GLY A 30 15.84 -21.85 -1.77
C GLY A 30 15.84 -20.40 -1.34
N ARG A 31 14.91 -20.00 -0.47
CA ARG A 31 14.80 -18.63 0.00
C ARG A 31 14.74 -18.61 1.51
N TRP A 32 15.28 -17.56 2.11
CA TRP A 32 15.15 -17.30 3.55
C TRP A 32 13.76 -16.76 3.84
N ASN A 33 13.20 -17.15 4.97
CA ASN A 33 11.87 -16.69 5.38
C ASN A 33 11.72 -16.91 6.87
N GLY A 34 10.65 -16.37 7.44
CA GLY A 34 10.23 -16.78 8.77
C GLY A 34 9.65 -18.18 8.73
N PHE A 35 9.16 -18.66 9.87
CA PHE A 35 8.70 -20.04 9.97
C PHE A 35 7.18 -20.07 9.87
N GLY A 36 6.61 -21.07 9.24
CA GLY A 36 5.16 -21.07 9.16
C GLY A 36 4.65 -22.04 8.11
N GLY A 37 3.43 -21.78 7.66
CA GLY A 37 2.81 -22.67 6.69
C GLY A 37 1.30 -22.65 6.81
N LYS A 38 0.69 -23.70 6.27
CA LYS A 38 -0.77 -23.77 6.23
C LYS A 38 -1.34 -23.93 7.64
N VAL A 39 -2.49 -23.32 7.85
CA VAL A 39 -3.26 -23.52 9.07
C VAL A 39 -4.15 -24.74 8.86
N GLN A 40 -4.20 -25.64 9.83
CA GLN A 40 -4.97 -26.86 9.66
C GLN A 40 -6.38 -26.68 10.22
N GLU A 41 -7.28 -27.53 9.71
CA GLU A 41 -8.59 -27.68 10.34
C GLU A 41 -8.43 -28.09 11.80
N GLY A 42 -9.17 -27.44 12.69
CA GLY A 42 -9.15 -27.83 14.09
C GLY A 42 -8.13 -27.12 14.95
N GLU A 43 -7.36 -26.18 14.41
CA GLU A 43 -6.42 -25.39 15.20
C GLU A 43 -6.65 -23.92 14.92
N THR A 44 -6.46 -23.09 15.94
CA THR A 44 -6.45 -21.66 15.72
C THR A 44 -5.28 -21.28 14.80
N ILE A 45 -5.37 -20.08 14.25
CA ILE A 45 -4.26 -19.52 13.48
C ILE A 45 -3.00 -19.48 14.35
N GLU A 46 -3.11 -19.01 15.58
CA GLU A 46 -1.94 -18.94 16.45
C GLU A 46 -1.43 -20.33 16.81
N ASP A 47 -2.33 -21.30 17.05
CA ASP A 47 -1.89 -22.68 17.24
C ASP A 47 -1.06 -23.13 16.05
N GLY A 48 -1.53 -22.82 14.84
CA GLY A 48 -0.80 -23.22 13.65
C GLY A 48 0.57 -22.57 13.57
N ALA A 49 0.65 -21.30 13.97
CA ALA A 49 1.94 -20.61 13.95
C ALA A 49 2.92 -21.31 14.91
N ARG A 50 2.46 -21.60 16.12
CA ARG A 50 3.30 -22.32 17.09
C ARG A 50 3.70 -23.70 16.58
N ARG A 51 2.75 -24.42 15.98
CA ARG A 51 3.05 -25.75 15.46
C ARG A 51 4.12 -25.69 14.38
N GLU A 52 3.96 -24.78 13.43
CA GLU A 52 4.92 -24.66 12.34
C GLU A 52 6.29 -24.25 12.87
N LEU A 53 6.32 -23.34 13.85
CA LEU A 53 7.59 -22.95 14.45
C LEU A 53 8.30 -24.15 15.07
N GLN A 54 7.56 -24.96 15.83
CA GLN A 54 8.15 -26.14 16.47
C GLN A 54 8.61 -27.16 15.43
N GLU A 55 7.75 -27.47 14.45
CA GLU A 55 8.10 -28.41 13.40
C GLU A 55 9.35 -27.98 12.64
N GLU A 56 9.47 -26.69 12.30
CA GLU A 56 10.50 -26.23 11.37
C GLU A 56 11.81 -25.86 12.07
N SER A 57 11.77 -25.55 13.36
CA SER A 57 12.96 -25.11 14.11
C SER A 57 13.14 -25.76 15.48
N GLY A 58 12.19 -26.53 15.99
CA GLY A 58 12.26 -27.06 17.33
C GLY A 58 11.93 -26.07 18.43
N LEU A 59 11.68 -24.81 18.07
CA LEU A 59 11.46 -23.73 19.02
C LEU A 59 10.01 -23.69 19.50
N THR A 60 9.84 -23.33 20.76
CA THR A 60 8.55 -22.93 21.29
C THR A 60 8.67 -21.52 21.83
N VAL A 61 7.53 -20.85 22.05
CA VAL A 61 7.55 -19.47 22.49
C VAL A 61 6.53 -19.29 23.61
N ASP A 62 6.81 -18.33 24.48
CA ASP A 62 5.84 -17.91 25.49
C ASP A 62 4.63 -17.24 24.84
N ALA A 63 4.85 -16.14 24.13
CA ALA A 63 3.79 -15.37 23.51
C ALA A 63 4.15 -15.04 22.07
N LEU A 64 3.16 -15.15 21.19
CA LEU A 64 3.24 -14.63 19.83
C LEU A 64 2.40 -13.36 19.71
N HIS A 65 2.95 -12.34 19.07
CA HIS A 65 2.23 -11.09 18.87
C HIS A 65 1.87 -10.94 17.40
N LYS A 66 0.61 -10.59 17.12
CA LYS A 66 0.17 -10.30 15.76
C LYS A 66 0.78 -9.01 15.27
N VAL A 67 1.54 -9.07 14.19
CA VAL A 67 2.15 -7.86 13.63
C VAL A 67 1.65 -7.54 12.23
N GLY A 68 1.11 -8.51 11.49
CA GLY A 68 0.71 -8.14 10.14
C GLY A 68 -0.21 -9.16 9.53
N GLN A 69 -0.83 -8.74 8.43
CA GLN A 69 -1.57 -9.65 7.57
C GLN A 69 -1.21 -9.27 6.14
N ILE A 70 -0.85 -10.26 5.33
CA ILE A 70 -0.54 -10.03 3.92
C ILE A 70 -1.36 -11.00 3.09
N VAL A 71 -2.05 -10.48 2.08
CA VAL A 71 -2.80 -11.28 1.12
C VAL A 71 -2.02 -11.34 -0.17
N PHE A 72 -1.84 -12.55 -0.70
CA PHE A 72 -1.14 -12.77 -1.96
C PHE A 72 -2.10 -13.35 -2.99
N GLU A 73 -2.05 -12.80 -4.19
CA GLU A 73 -2.70 -13.42 -5.34
C GLU A 73 -1.60 -13.91 -6.27
N PHE A 74 -1.74 -15.13 -6.74
CA PHE A 74 -0.89 -15.65 -7.81
C PHE A 74 -1.77 -15.78 -9.03
N VAL A 75 -1.34 -15.14 -10.13
CA VAL A 75 -2.06 -15.21 -11.40
C VAL A 75 -2.35 -16.65 -11.74
N GLY A 76 -3.61 -16.94 -12.08
CA GLY A 76 -4.01 -18.28 -12.47
C GLY A 76 -4.36 -19.21 -11.32
N GLU A 77 -4.08 -18.83 -10.07
CA GLU A 77 -4.35 -19.67 -8.91
C GLU A 77 -5.61 -19.18 -8.22
N PRO A 78 -6.62 -20.04 -8.05
CA PRO A 78 -7.92 -19.55 -7.53
C PRO A 78 -7.89 -19.07 -6.10
N GLU A 79 -7.12 -19.72 -5.22
CA GLU A 79 -7.13 -19.37 -3.80
C GLU A 79 -6.12 -18.27 -3.50
N LEU A 80 -6.57 -17.23 -2.81
CA LEU A 80 -5.67 -16.23 -2.28
C LEU A 80 -4.95 -16.80 -1.06
N MET A 81 -3.71 -16.37 -0.84
CA MET A 81 -2.98 -16.74 0.37
C MET A 81 -3.15 -15.65 1.41
N ASP A 82 -3.76 -16.00 2.54
CA ASP A 82 -4.04 -15.06 3.63
C ASP A 82 -3.05 -15.36 4.75
N VAL A 83 -1.93 -14.65 4.75
CA VAL A 83 -0.83 -14.91 5.68
C VAL A 83 -0.96 -14.03 6.91
N HIS A 84 -1.07 -14.64 8.08
CA HIS A 84 -1.06 -13.93 9.35
C HIS A 84 0.36 -13.96 9.92
N VAL A 85 0.94 -12.79 10.08
CA VAL A 85 2.33 -12.62 10.46
C VAL A 85 2.40 -12.32 11.94
N PHE A 86 3.25 -13.06 12.65
CA PHE A 86 3.46 -12.94 14.09
C PHE A 86 4.93 -12.65 14.38
N CYS A 87 5.18 -12.00 15.51
CA CYS A 87 6.54 -11.78 15.94
C CYS A 87 6.63 -12.10 17.43
N THR A 88 7.85 -12.39 17.86
CA THR A 88 8.14 -12.60 19.27
C THR A 88 9.61 -12.27 19.47
N ASP A 89 9.95 -11.86 20.69
CA ASP A 89 11.34 -11.62 21.10
C ASP A 89 11.89 -12.79 21.91
N SER A 90 11.19 -13.22 22.96
CA SER A 90 11.64 -14.33 23.79
C SER A 90 11.25 -15.67 23.17
N ILE A 91 12.23 -16.53 22.88
CA ILE A 91 11.96 -17.89 22.43
C ILE A 91 12.43 -18.89 23.48
N GLN A 92 12.17 -20.17 23.22
CA GLN A 92 12.45 -21.22 24.19
C GLN A 92 13.16 -22.33 23.43
N GLY A 93 14.42 -22.55 23.81
CA GLY A 93 15.31 -23.47 23.14
C GLY A 93 16.20 -22.78 22.13
N THR A 94 16.98 -23.61 21.45
CA THR A 94 17.95 -23.17 20.48
C THR A 94 17.49 -23.68 19.12
N PRO A 95 17.51 -22.86 18.08
CA PRO A 95 16.98 -23.33 16.80
C PRO A 95 17.83 -24.48 16.27
N VAL A 96 17.16 -25.47 15.69
CA VAL A 96 17.81 -26.63 15.11
C VAL A 96 17.24 -26.85 13.71
N GLU A 97 18.08 -27.41 12.83
CA GLU A 97 17.67 -27.65 11.46
C GLU A 97 16.61 -28.75 11.42
N SER A 98 15.60 -28.55 10.56
CA SER A 98 14.57 -29.52 10.22
C SER A 98 14.75 -29.99 8.78
N ASP A 99 13.87 -30.90 8.34
CA ASP A 99 13.87 -31.27 6.92
C ASP A 99 13.37 -30.12 6.04
N GLU A 100 12.58 -29.21 6.60
CA GLU A 100 12.04 -28.06 5.87
C GLU A 100 12.94 -26.83 5.90
N MET A 101 13.66 -26.60 7.01
CA MET A 101 14.28 -25.30 7.23
C MET A 101 15.66 -25.45 7.86
N ARG A 102 16.58 -24.59 7.44
CA ARG A 102 17.92 -24.50 8.07
C ARG A 102 18.05 -23.12 8.70
N PRO A 103 18.01 -22.99 10.03
CA PRO A 103 17.90 -21.66 10.64
C PRO A 103 19.24 -20.97 10.88
N CYS A 104 19.19 -19.65 10.82
CA CYS A 104 20.34 -18.80 11.12
C CYS A 104 19.89 -17.44 11.60
N TRP A 105 20.72 -16.83 12.44
CA TRP A 105 20.48 -15.49 12.95
C TRP A 105 21.13 -14.48 12.00
N PHE A 106 20.43 -13.37 11.77
CA PHE A 106 20.93 -12.31 10.89
C PHE A 106 20.92 -11.01 11.67
N GLN A 107 22.02 -10.25 11.57
CA GLN A 107 22.05 -8.91 12.11
C GLN A 107 21.06 -8.05 11.31
N LEU A 108 20.42 -7.10 11.99
CA LEU A 108 19.30 -6.40 11.38
C LEU A 108 19.71 -5.56 10.16
N ASP A 109 20.99 -5.23 10.01
CA ASP A 109 21.42 -4.55 8.79
C ASP A 109 21.98 -5.51 7.77
N GLN A 110 21.82 -6.82 7.96
CA GLN A 110 22.32 -7.80 7.02
C GLN A 110 21.23 -8.79 6.63
N ILE A 111 20.00 -8.31 6.54
CA ILE A 111 18.87 -9.16 6.15
C ILE A 111 18.96 -9.49 4.66
N PRO A 112 18.98 -10.78 4.29
CA PRO A 112 19.29 -11.17 2.89
C PRO A 112 18.10 -11.06 1.95
N PHE A 113 17.70 -9.81 1.66
CA PHE A 113 16.50 -9.55 0.86
C PHE A 113 16.58 -10.16 -0.53
N LYS A 114 17.76 -10.18 -1.14
CA LYS A 114 17.86 -10.72 -2.48
C LYS A 114 17.55 -12.19 -2.53
N ASP A 115 17.65 -12.89 -1.39
CA ASP A 115 17.39 -14.32 -1.32
C ASP A 115 16.16 -14.61 -0.48
N MET A 116 15.25 -13.64 -0.42
CA MET A 116 13.97 -13.74 0.25
C MET A 116 12.84 -13.49 -0.75
N TRP A 117 11.61 -13.78 -0.35
CA TRP A 117 10.48 -13.41 -1.21
C TRP A 117 10.55 -11.91 -1.49
N PRO A 118 10.25 -11.47 -2.73
CA PRO A 118 10.39 -10.04 -3.06
C PRO A 118 9.52 -9.12 -2.21
N ASP A 119 8.33 -9.58 -1.84
CA ASP A 119 7.45 -8.76 -1.02
C ASP A 119 8.09 -8.41 0.31
N ASP A 120 9.00 -9.24 0.82
CA ASP A 120 9.63 -8.94 2.11
C ASP A 120 10.31 -7.58 2.08
N SER A 121 10.92 -7.22 0.93
CA SER A 121 11.61 -5.94 0.83
C SER A 121 10.69 -4.79 1.16
N TYR A 122 9.40 -4.96 0.93
CA TYR A 122 8.44 -3.90 1.16
C TYR A 122 7.95 -3.90 2.60
N TRP A 123 7.63 -5.06 3.17
CA TRP A 123 6.96 -5.00 4.46
C TRP A 123 7.87 -5.30 5.63
N PHE A 124 8.99 -5.97 5.39
CA PHE A 124 9.92 -6.26 6.49
C PHE A 124 10.37 -5.01 7.23
N PRO A 125 10.66 -3.88 6.58
CA PRO A 125 11.03 -2.69 7.35
C PRO A 125 9.99 -2.32 8.38
N LEU A 126 8.71 -2.36 7.99
CA LEU A 126 7.62 -2.08 8.91
C LEU A 126 7.65 -3.03 10.10
N LEU A 127 7.93 -4.31 9.84
CA LEU A 127 8.11 -5.26 10.94
C LEU A 127 9.23 -4.80 11.86
N LEU A 128 10.38 -4.44 11.29
CA LEU A 128 11.52 -4.10 12.13
C LEU A 128 11.28 -2.81 12.90
N GLN A 129 10.42 -1.94 12.36
CA GLN A 129 10.08 -0.70 13.02
C GLN A 129 8.91 -0.86 13.97
N LYS A 130 8.50 -2.11 14.21
CA LYS A 130 7.45 -2.45 15.16
C LYS A 130 6.13 -1.78 14.82
N LYS A 131 5.84 -1.67 13.53
CA LYS A 131 4.56 -1.14 13.05
C LYS A 131 3.68 -2.29 12.58
N LYS A 132 2.39 -2.21 12.89
CA LYS A 132 1.44 -3.20 12.41
C LYS A 132 1.03 -2.83 10.99
N PHE A 133 0.78 -3.85 10.14
CA PHE A 133 0.56 -3.56 8.73
C PHE A 133 -0.42 -4.51 8.09
N HIS A 134 -1.08 -4.02 7.04
CA HIS A 134 -1.83 -4.83 6.09
C HIS A 134 -1.20 -4.66 4.71
N GLY A 135 -0.94 -5.79 4.05
CA GLY A 135 -0.36 -5.77 2.73
C GLY A 135 -1.12 -6.66 1.76
N TYR A 136 -0.98 -6.33 0.48
CA TYR A 136 -1.51 -7.12 -0.63
C TYR A 136 -0.48 -7.12 -1.73
N PHE A 137 -0.19 -8.29 -2.27
CA PHE A 137 0.77 -8.44 -3.35
C PHE A 137 0.20 -9.38 -4.39
N LYS A 138 0.19 -8.94 -5.64
CA LYS A 138 -0.19 -9.77 -6.78
C LYS A 138 1.08 -10.26 -7.45
N PHE A 139 1.24 -11.58 -7.53
CA PHE A 139 2.42 -12.19 -8.10
C PHE A 139 2.09 -12.85 -9.43
N GLN A 140 3.00 -12.74 -10.39
CA GLN A 140 3.02 -13.61 -11.57
C GLN A 140 4.19 -14.57 -11.38
N GLY A 141 3.88 -15.84 -11.12
CA GLY A 141 4.97 -16.72 -10.73
C GLY A 141 5.50 -16.32 -9.36
N GLN A 142 6.77 -16.64 -9.12
CA GLN A 142 7.36 -16.49 -7.79
C GLN A 142 8.31 -15.30 -7.69
N ASP A 143 8.58 -14.57 -8.77
CA ASP A 143 9.58 -13.52 -8.73
C ASP A 143 9.06 -12.13 -9.05
N THR A 144 7.87 -12.00 -9.63
CA THR A 144 7.42 -10.74 -10.23
C THR A 144 6.20 -10.21 -9.49
N ILE A 145 6.35 -9.06 -8.86
CA ILE A 145 5.20 -8.39 -8.24
C ILE A 145 4.57 -7.46 -9.26
N LEU A 146 3.30 -7.73 -9.58
CA LEU A 146 2.57 -6.94 -10.58
C LEU A 146 1.85 -5.75 -9.97
N ASP A 147 1.23 -5.95 -8.81
CA ASP A 147 0.55 -4.90 -8.06
C ASP A 147 0.76 -5.16 -6.59
N TYR A 148 0.62 -4.10 -5.78
CA TYR A 148 0.65 -4.30 -4.34
C TYR A 148 0.08 -3.05 -3.67
N THR A 149 -0.41 -3.26 -2.45
CA THR A 149 -0.77 -2.21 -1.53
C THR A 149 -0.17 -2.50 -0.17
N LEU A 150 0.17 -1.46 0.57
CA LEU A 150 0.78 -1.63 1.88
C LEU A 150 0.43 -0.43 2.75
N ARG A 151 -0.13 -0.68 3.93
CA ARG A 151 -0.47 0.39 4.84
C ARG A 151 -0.26 -0.09 6.28
N GLU A 152 0.12 0.85 7.15
CA GLU A 152 0.11 0.60 8.59
C GLU A 152 -1.32 0.61 9.12
N VAL A 153 -1.57 -0.21 10.14
CA VAL A 153 -2.90 -0.32 10.75
C VAL A 153 -2.76 -0.24 12.28
N ASP A 154 -3.91 -0.10 12.94
CA ASP A 154 -3.99 -0.08 14.40
C ASP A 154 -4.31 -1.45 14.97
N THR A 155 -5.17 -2.20 14.28
CA THR A 155 -5.54 -3.55 14.65
C THR A 155 -5.20 -4.46 13.47
N VAL A 156 -4.37 -5.47 13.71
CA VAL A 156 -4.04 -6.45 12.66
C VAL A 156 -5.26 -7.28 12.27
N GLY B 2 11.44 7.94 -15.75
CA GLY B 2 10.63 8.38 -16.86
C GLY B 2 10.31 9.87 -16.87
N ALA B 3 10.27 10.44 -18.08
CA ALA B 3 9.85 11.83 -18.24
C ALA B 3 8.45 12.03 -17.68
N SER B 4 8.30 13.02 -16.80
CA SER B 4 7.02 13.26 -16.15
C SER B 4 6.74 14.76 -16.08
N ARG B 5 5.46 15.08 -15.88
CA ARG B 5 4.96 16.45 -15.81
C ARG B 5 4.14 16.63 -14.54
N LEU B 6 4.32 17.77 -13.87
CA LEU B 6 3.72 17.99 -12.57
C LEU B 6 2.27 18.44 -12.70
N TYR B 7 1.40 17.86 -11.88
CA TYR B 7 0.02 18.26 -11.76
C TYR B 7 -0.36 18.36 -10.29
N THR B 8 -1.44 19.10 -10.02
CA THR B 8 -1.97 19.22 -8.67
C THR B 8 -3.39 18.69 -8.63
N LEU B 9 -3.77 18.31 -7.42
CA LEU B 9 -5.12 17.84 -7.13
C LEU B 9 -5.41 18.16 -5.68
N VAL B 10 -6.49 18.92 -5.47
CA VAL B 10 -6.85 19.49 -4.18
C VAL B 10 -8.24 18.99 -3.83
N LEU B 11 -8.35 18.40 -2.64
CA LEU B 11 -9.62 17.91 -2.13
C LEU B 11 -9.97 18.69 -0.87
N VAL B 12 -11.12 19.35 -0.90
CA VAL B 12 -11.67 20.04 0.25
C VAL B 12 -12.47 19.01 1.02
N LEU B 13 -11.96 18.59 2.17
CA LEU B 13 -12.52 17.47 2.92
C LEU B 13 -13.00 17.90 4.31
N VAL B 18 -17.30 16.22 1.39
CA VAL B 18 -16.17 16.56 0.52
C VAL B 18 -16.60 17.29 -0.77
N LEU B 19 -15.82 18.30 -1.18
CA LEU B 19 -16.13 19.11 -2.36
C LEU B 19 -15.52 18.50 -3.61
N LEU B 20 -16.32 18.35 -4.64
CA LEU B 20 -15.84 17.83 -5.92
C LEU B 20 -16.30 18.75 -7.02
N GLY B 21 -15.67 18.64 -8.18
CA GLY B 21 -16.09 19.36 -9.37
C GLY B 21 -16.25 18.47 -10.58
N MET B 22 -17.28 18.74 -11.37
CA MET B 22 -17.53 18.03 -12.62
C MET B 22 -16.78 18.74 -13.74
N LYS B 23 -15.83 18.02 -14.35
CA LYS B 23 -15.03 18.55 -15.45
C LYS B 23 -15.85 18.58 -16.73
N LYS B 24 -15.79 19.71 -17.44
CA LYS B 24 -16.72 19.92 -18.55
C LYS B 24 -16.07 19.79 -19.93
N ARG B 25 -14.73 19.86 -20.04
CA ARG B 25 -14.05 19.53 -21.29
C ARG B 25 -12.57 19.30 -21.01
N GLY B 26 -11.89 18.78 -22.03
CA GLY B 26 -10.48 18.46 -21.89
C GLY B 26 -10.27 17.12 -21.22
N PHE B 27 -9.11 16.95 -20.59
CA PHE B 27 -8.78 15.68 -19.97
C PHE B 27 -9.77 15.35 -18.85
N GLY B 28 -10.35 14.15 -18.91
CA GLY B 28 -11.29 13.78 -17.87
C GLY B 28 -12.64 14.48 -17.95
N ALA B 29 -13.04 14.96 -19.12
CA ALA B 29 -14.35 15.57 -19.26
C ALA B 29 -15.42 14.54 -18.95
N GLY B 30 -16.42 14.97 -18.19
CA GLY B 30 -17.50 14.07 -17.82
C GLY B 30 -17.27 13.29 -16.55
N ARG B 31 -16.29 13.67 -15.73
CA ARG B 31 -15.99 12.99 -14.48
C ARG B 31 -15.90 13.98 -13.35
N TRP B 32 -16.32 13.54 -12.15
CA TRP B 32 -16.08 14.28 -10.92
C TRP B 32 -14.63 14.10 -10.48
N ASN B 33 -14.06 15.16 -9.90
CA ASN B 33 -12.68 15.13 -9.43
C ASN B 33 -12.49 16.25 -8.41
N GLY B 34 -11.35 16.24 -7.75
CA GLY B 34 -10.91 17.40 -7.00
C GLY B 34 -10.42 18.46 -7.99
N PHE B 35 -9.94 19.57 -7.45
CA PHE B 35 -9.55 20.69 -8.30
C PHE B 35 -8.04 20.69 -8.51
N GLY B 36 -7.61 21.11 -9.69
CA GLY B 36 -6.18 21.15 -9.91
C GLY B 36 -5.87 21.27 -11.38
N GLY B 37 -4.65 20.88 -11.72
CA GLY B 37 -4.22 21.03 -13.09
C GLY B 37 -2.71 21.17 -13.19
N LYS B 38 -2.28 21.73 -14.32
CA LYS B 38 -0.86 21.82 -14.64
C LYS B 38 -0.16 22.85 -13.75
N VAL B 39 1.09 22.56 -13.40
CA VAL B 39 1.93 23.49 -12.65
C VAL B 39 2.73 24.35 -13.60
N GLN B 40 2.81 25.65 -13.32
CA GLN B 40 3.53 26.55 -14.21
C GLN B 40 4.99 26.74 -13.79
N GLU B 41 5.81 27.14 -14.76
CA GLU B 41 7.14 27.65 -14.44
C GLU B 41 7.02 28.90 -13.58
N GLY B 42 7.82 28.96 -12.53
CA GLY B 42 7.84 30.13 -11.68
C GLY B 42 6.95 30.08 -10.45
N GLU B 43 6.22 28.99 -10.22
CA GLU B 43 5.38 28.86 -9.03
C GLU B 43 5.72 27.55 -8.33
N THR B 44 5.68 27.56 -6.99
CA THR B 44 5.76 26.28 -6.28
C THR B 44 4.59 25.39 -6.66
N ILE B 45 4.75 24.09 -6.43
CA ILE B 45 3.65 23.15 -6.61
C ILE B 45 2.44 23.57 -5.79
N GLU B 46 2.65 23.93 -4.52
CA GLU B 46 1.50 24.29 -3.69
C GLU B 46 0.83 25.58 -4.19
N ASP B 47 1.63 26.57 -4.61
CA ASP B 47 1.05 27.76 -5.21
C ASP B 47 0.22 27.40 -6.43
N GLY B 48 0.69 26.46 -7.24
CA GLY B 48 -0.11 26.04 -8.36
C GLY B 48 -1.42 25.40 -7.93
N ALA B 49 -1.37 24.61 -6.85
CA ALA B 49 -2.60 23.99 -6.35
C ALA B 49 -3.60 25.06 -5.91
N ARG B 50 -3.11 26.06 -5.17
CA ARG B 50 -3.96 27.15 -4.72
C ARG B 50 -4.53 27.93 -5.90
N ARG B 51 -3.68 28.25 -6.88
CA ARG B 51 -4.14 28.98 -8.05
C ARG B 51 -5.24 28.23 -8.77
N GLU B 52 -5.04 26.92 -8.97
CA GLU B 52 -6.06 26.15 -9.67
C GLU B 52 -7.35 26.09 -8.85
N LEU B 53 -7.23 25.97 -7.53
CA LEU B 53 -8.41 25.98 -6.68
C LEU B 53 -9.19 27.28 -6.82
N GLN B 54 -8.48 28.41 -6.79
CA GLN B 54 -9.16 29.69 -6.93
C GLN B 54 -9.79 29.82 -8.32
N GLU B 55 -9.05 29.48 -9.36
CA GLU B 55 -9.58 29.55 -10.72
C GLU B 55 -10.85 28.72 -10.87
N GLU B 56 -10.83 27.49 -10.39
CA GLU B 56 -11.89 26.53 -10.71
C GLU B 56 -13.06 26.55 -9.72
N SER B 57 -12.87 27.06 -8.51
CA SER B 57 -13.94 27.07 -7.52
C SER B 57 -14.11 28.43 -6.85
N GLY B 58 -13.21 29.39 -7.08
CA GLY B 58 -13.24 30.67 -6.41
C GLY B 58 -12.73 30.66 -4.99
N LEU B 59 -12.43 29.49 -4.44
CA LEU B 59 -12.04 29.39 -3.04
C LEU B 59 -10.57 29.73 -2.82
N THR B 60 -10.29 30.35 -1.67
CA THR B 60 -8.94 30.49 -1.17
C THR B 60 -8.89 29.79 0.17
N VAL B 61 -7.68 29.46 0.64
CA VAL B 61 -7.54 28.64 1.84
C VAL B 61 -6.38 29.15 2.68
N ASP B 62 -6.48 28.95 3.99
CA ASP B 62 -5.37 29.22 4.90
C ASP B 62 -4.20 28.28 4.62
N ALA B 63 -4.40 26.98 4.78
CA ALA B 63 -3.33 26.00 4.62
C ALA B 63 -3.77 24.85 3.74
N LEU B 64 -2.88 24.41 2.85
CA LEU B 64 -3.02 23.16 2.11
C LEU B 64 -2.06 22.15 2.70
N HIS B 65 -2.52 20.91 2.88
CA HIS B 65 -1.70 19.86 3.45
C HIS B 65 -1.30 18.87 2.37
N LYS B 66 0.00 18.55 2.30
CA LYS B 66 0.44 17.51 1.39
C LYS B 66 -0.08 16.18 1.88
N VAL B 67 -0.89 15.50 1.08
CA VAL B 67 -1.38 14.19 1.47
C VAL B 67 -0.93 13.08 0.54
N GLY B 68 -0.56 13.36 -0.70
CA GLY B 68 -0.21 12.23 -1.54
C GLY B 68 0.55 12.61 -2.79
N GLN B 69 1.13 11.58 -3.40
CA GLN B 69 1.69 11.71 -4.73
C GLN B 69 1.29 10.47 -5.52
N ILE B 70 0.77 10.68 -6.70
CA ILE B 70 0.39 9.57 -7.58
C ILE B 70 1.01 9.82 -8.93
N VAL B 71 1.66 8.80 -9.48
CA VAL B 71 2.18 8.85 -10.84
C VAL B 71 1.24 8.03 -11.72
N PHE B 72 0.83 8.61 -12.83
CA PHE B 72 -0.04 7.95 -13.78
C PHE B 72 0.75 7.75 -15.07
N GLU B 73 0.71 6.53 -15.59
CA GLU B 73 1.27 6.22 -16.89
C GLU B 73 0.13 5.80 -17.81
N PHE B 74 0.10 6.34 -19.02
CA PHE B 74 -0.86 5.95 -20.03
C PHE B 74 -0.14 5.27 -21.20
N VAL B 75 -0.63 4.07 -21.56
CA VAL B 75 -0.14 3.30 -22.71
C VAL B 75 -0.12 4.17 -23.95
N GLY B 76 0.99 4.13 -24.70
CA GLY B 76 1.06 4.87 -25.94
C GLY B 76 1.41 6.32 -25.74
N GLU B 77 1.41 6.77 -24.47
CA GLU B 77 1.64 8.16 -24.10
C GLU B 77 2.93 8.29 -23.27
N PRO B 78 3.93 8.98 -23.84
CA PRO B 78 5.30 8.99 -23.27
C PRO B 78 5.46 9.73 -21.96
N GLU B 79 4.73 10.82 -21.74
CA GLU B 79 4.92 11.65 -20.56
C GLU B 79 4.10 11.08 -19.40
N LEU B 80 4.74 10.87 -18.27
CA LEU B 80 4.03 10.49 -17.05
C LEU B 80 3.38 11.71 -16.40
N MET B 81 2.24 11.48 -15.75
CA MET B 81 1.61 12.52 -14.95
C MET B 81 2.03 12.34 -13.50
N ASP B 82 2.70 13.35 -12.94
CA ASP B 82 3.18 13.34 -11.56
C ASP B 82 2.24 14.25 -10.76
N VAL B 83 1.20 13.66 -10.17
CA VAL B 83 0.15 14.41 -9.49
C VAL B 83 0.46 14.53 -8.01
N HIS B 84 0.55 15.76 -7.52
CA HIS B 84 0.68 16.04 -6.09
C HIS B 84 -0.69 16.36 -5.49
N VAL B 85 -1.12 15.55 -4.52
CA VAL B 85 -2.45 15.61 -3.95
C VAL B 85 -2.38 16.36 -2.62
N PHE B 86 -3.28 17.33 -2.46
CA PHE B 86 -3.39 18.16 -1.28
C PHE B 86 -4.79 18.05 -0.70
N CYS B 87 -4.88 18.36 0.58
CA CYS B 87 -6.13 18.34 1.31
C CYS B 87 -6.27 19.62 2.14
N THR B 88 -7.51 20.02 2.37
CA THR B 88 -7.77 21.13 3.27
C THR B 88 -9.18 20.98 3.83
N ASP B 89 -9.32 21.37 5.09
CA ASP B 89 -10.61 21.40 5.78
C ASP B 89 -11.12 22.82 5.93
N SER B 90 -10.36 23.70 6.57
CA SER B 90 -10.80 25.07 6.76
C SER B 90 -10.59 25.82 5.46
N ILE B 91 -11.68 26.32 4.89
CA ILE B 91 -11.60 27.13 3.68
C ILE B 91 -12.06 28.55 3.95
N GLN B 92 -12.12 29.32 2.87
CA GLN B 92 -12.26 30.77 2.98
C GLN B 92 -13.23 31.15 1.89
N GLY B 93 -14.47 31.55 2.24
CA GLY B 93 -15.46 31.88 1.20
C GLY B 93 -16.37 30.73 0.79
N THR B 94 -17.18 30.99 -0.25
CA THR B 94 -18.18 30.06 -0.77
C THR B 94 -17.89 29.64 -2.20
N PRO B 95 -17.96 28.35 -2.55
CA PRO B 95 -17.66 27.92 -3.92
C PRO B 95 -18.72 28.35 -4.93
N VAL B 96 -18.24 28.76 -6.11
CA VAL B 96 -19.09 29.13 -7.23
C VAL B 96 -18.56 28.47 -8.48
N GLU B 97 -19.46 28.25 -9.44
CA GLU B 97 -19.09 27.58 -10.69
C GLU B 97 -18.16 28.43 -11.53
N SER B 98 -17.17 27.79 -12.13
CA SER B 98 -16.29 28.41 -13.12
C SER B 98 -16.60 27.84 -14.50
N ASP B 99 -15.91 28.36 -15.52
CA ASP B 99 -15.97 27.83 -16.88
C ASP B 99 -15.29 26.48 -16.98
N GLU B 100 -14.42 26.19 -16.02
CA GLU B 100 -13.60 25.00 -16.04
C GLU B 100 -14.30 23.79 -15.44
N MET B 101 -15.07 24.02 -14.37
CA MET B 101 -15.60 22.96 -13.54
C MET B 101 -16.91 23.39 -12.89
N ARG B 102 -17.82 22.44 -12.66
CA ARG B 102 -19.05 22.73 -11.93
C ARG B 102 -19.00 22.06 -10.55
N PRO B 103 -18.84 22.81 -9.46
CA PRO B 103 -18.60 22.17 -8.16
C PRO B 103 -19.89 21.78 -7.47
N CYS B 104 -19.79 20.73 -6.66
CA CYS B 104 -20.88 20.33 -5.80
C CYS B 104 -20.32 19.59 -4.61
N TRP B 105 -21.04 19.67 -3.49
CA TRP B 105 -20.66 18.96 -2.28
C TRP B 105 -21.25 17.56 -2.35
N PHE B 106 -20.46 16.58 -1.93
CA PHE B 106 -20.92 15.20 -1.88
C PHE B 106 -20.70 14.68 -0.46
N GLN B 107 -21.73 14.06 0.10
CA GLN B 107 -21.58 13.45 1.41
C GLN B 107 -20.67 12.24 1.34
N LEU B 108 -19.93 12.03 2.42
CA LEU B 108 -18.85 11.05 2.40
C LEU B 108 -19.34 9.63 2.14
N ASP B 109 -20.61 9.34 2.37
CA ASP B 109 -21.13 8.02 2.02
C ASP B 109 -21.79 8.00 0.65
N GLN B 110 -21.60 9.08 -0.13
CA GLN B 110 -22.19 9.20 -1.45
C GLN B 110 -21.15 9.69 -2.46
N ILE B 111 -19.89 9.28 -2.29
CA ILE B 111 -18.85 9.69 -3.20
C ILE B 111 -19.10 9.00 -4.54
N PRO B 112 -19.25 9.75 -5.63
CA PRO B 112 -19.68 9.17 -6.91
C PRO B 112 -18.52 8.50 -7.66
N PHE B 113 -18.07 7.36 -7.11
CA PHE B 113 -16.87 6.72 -7.64
C PHE B 113 -17.05 6.30 -9.09
N LYS B 114 -18.26 5.85 -9.46
CA LYS B 114 -18.47 5.41 -10.82
C LYS B 114 -18.41 6.57 -11.81
N ASP B 115 -18.50 7.81 -11.33
CA ASP B 115 -18.37 8.99 -12.17
C ASP B 115 -17.07 9.75 -11.85
N MET B 116 -16.09 9.06 -11.31
CA MET B 116 -14.77 9.59 -11.03
C MET B 116 -13.73 8.75 -11.77
N TRP B 117 -12.50 9.25 -11.83
CA TRP B 117 -11.42 8.42 -12.35
C TRP B 117 -11.37 7.11 -11.57
N PRO B 118 -11.15 5.98 -12.22
CA PRO B 118 -11.24 4.69 -11.49
C PRO B 118 -10.22 4.58 -10.35
N ASP B 119 -9.03 5.16 -10.50
CA ASP B 119 -8.01 5.06 -9.46
C ASP B 119 -8.52 5.61 -8.14
N ASP B 120 -9.48 6.55 -8.18
CA ASP B 120 -9.95 7.19 -6.96
C ASP B 120 -10.48 6.16 -5.96
N SER B 121 -11.17 5.12 -6.46
CA SER B 121 -11.73 4.13 -5.54
C SER B 121 -10.65 3.43 -4.73
N TYR B 122 -9.42 3.45 -5.24
CA TYR B 122 -8.30 2.78 -4.59
C TYR B 122 -7.70 3.64 -3.50
N TRP B 123 -7.53 4.95 -3.74
CA TRP B 123 -6.70 5.73 -2.81
C TRP B 123 -7.49 6.63 -1.87
N PHE B 124 -8.77 6.87 -2.18
CA PHE B 124 -9.62 7.64 -1.27
C PHE B 124 -9.70 7.09 0.15
N PRO B 125 -9.73 5.77 0.41
CA PRO B 125 -9.73 5.31 1.82
C PRO B 125 -8.55 5.89 2.61
N LEU B 126 -7.36 5.83 2.03
CA LEU B 126 -6.19 6.43 2.68
C LEU B 126 -6.42 7.91 2.91
N LEU B 127 -6.96 8.60 1.90
CA LEU B 127 -7.27 10.02 2.04
C LEU B 127 -8.20 10.23 3.22
N LEU B 128 -9.29 9.46 3.28
CA LEU B 128 -10.30 9.72 4.30
C LEU B 128 -9.79 9.43 5.70
N GLN B 129 -8.79 8.56 5.82
CA GLN B 129 -8.21 8.25 7.12
C GLN B 129 -7.04 9.16 7.46
N LYS B 130 -6.81 10.20 6.66
CA LYS B 130 -5.73 11.15 6.90
C LYS B 130 -4.37 10.46 6.87
N LYS B 131 -4.22 9.46 6.01
CA LYS B 131 -2.95 8.79 5.83
C LYS B 131 -2.27 9.32 4.56
N LYS B 132 -0.96 9.50 4.63
CA LYS B 132 -0.21 9.96 3.48
C LYS B 132 0.18 8.78 2.60
N PHE B 133 0.21 8.99 1.29
CA PHE B 133 0.38 7.85 0.38
C PHE B 133 1.17 8.21 -0.87
N HIS B 134 1.84 7.21 -1.41
CA HIS B 134 2.41 7.25 -2.75
C HIS B 134 1.70 6.19 -3.57
N GLY B 135 1.24 6.56 -4.76
CA GLY B 135 0.60 5.62 -5.66
C GLY B 135 1.18 5.68 -7.06
N TYR B 136 0.98 4.59 -7.80
CA TYR B 136 1.30 4.47 -9.22
C TYR B 136 0.17 3.72 -9.90
N PHE B 137 -0.31 4.23 -11.05
CA PHE B 137 -1.36 3.56 -11.82
C PHE B 137 -0.98 3.57 -13.30
N LYS B 138 -0.98 2.40 -13.93
CA LYS B 138 -0.79 2.29 -15.37
C LYS B 138 -2.16 2.13 -16.01
N PHE B 139 -2.50 3.04 -16.91
CA PHE B 139 -3.81 3.09 -17.55
C PHE B 139 -3.69 2.65 -19.01
N GLN B 140 -4.70 1.91 -19.49
CA GLN B 140 -4.92 1.73 -20.91
C GLN B 140 -6.19 2.46 -21.28
N GLY B 141 -6.06 3.55 -22.04
CA GLY B 141 -7.22 4.39 -22.24
C GLY B 141 -7.60 5.08 -20.95
N GLN B 142 -8.88 5.43 -20.84
CA GLN B 142 -9.34 6.24 -19.73
C GLN B 142 -10.03 5.44 -18.64
N ASP B 143 -10.31 4.16 -18.87
CA ASP B 143 -11.11 3.40 -17.94
C ASP B 143 -10.43 2.17 -17.38
N THR B 144 -9.31 1.75 -17.95
CA THR B 144 -8.73 0.44 -17.68
C THR B 144 -7.40 0.61 -16.96
N ILE B 145 -7.37 0.20 -15.71
CA ILE B 145 -6.15 0.15 -14.92
C ILE B 145 -5.51 -1.21 -15.16
N LEU B 146 -4.31 -1.22 -15.70
CA LEU B 146 -3.63 -2.47 -15.98
C LEU B 146 -2.86 -2.98 -14.77
N ASP B 147 -2.15 -2.08 -14.08
CA ASP B 147 -1.46 -2.43 -12.86
C ASP B 147 -1.34 -1.18 -11.98
N TYR B 148 -1.05 -1.39 -10.70
CA TYR B 148 -0.96 -0.26 -9.79
C TYR B 148 -0.17 -0.66 -8.55
N THR B 149 0.35 0.36 -7.87
CA THR B 149 0.89 0.21 -6.52
C THR B 149 0.35 1.34 -5.66
N LEU B 150 0.18 1.07 -4.38
CA LEU B 150 -0.29 2.08 -3.44
C LEU B 150 0.31 1.76 -2.08
N ARG B 151 1.00 2.72 -1.49
CA ARG B 151 1.71 2.49 -0.24
C ARG B 151 1.49 3.69 0.65
N GLU B 152 1.16 3.46 1.92
CA GLU B 152 1.14 4.57 2.87
C GLU B 152 2.58 4.98 3.12
N VAL B 153 2.81 6.29 3.30
CA VAL B 153 4.14 6.80 3.56
C VAL B 153 4.09 7.75 4.75
N ASP B 154 5.28 8.09 5.23
CA ASP B 154 5.51 9.07 6.30
C ASP B 154 5.86 10.43 5.73
N THR B 155 6.59 10.47 4.61
CA THR B 155 6.94 11.70 3.93
C THR B 155 6.38 11.66 2.52
N VAL B 156 5.50 12.60 2.19
CA VAL B 156 4.94 12.71 0.84
C VAL B 156 6.01 13.14 -0.15
#